data_6OP9
#
_entry.id   6OP9
#
_cell.length_a   116.385
_cell.length_b   116.385
_cell.length_c   58.194
_cell.angle_alpha   90.00
_cell.angle_beta   90.00
_cell.angle_gamma   120.00
#
_symmetry.space_group_name_H-M   'P 31 2 1'
#
loop_
_entity.id
_entity.type
_entity.pdbx_description
1 polymer 'Receptor tyrosine-protein kinase erbB-3'
2 non-polymer 4-[(2,4-dichloro-5-methoxyphenyl)amino]-6-methoxy-7-[3-(4-methylpiperazin-1-yl)propoxy]quinoline-3-carbonitrile
3 water water
#
_entity_poly.entity_id   1
_entity_poly.type   'polypeptide(L)'
_entity_poly.pdbx_seq_one_letter_code
;KRAMRRYLERGESIEPLDPSEKANKVLARIFKETELRKLKVLGSGVFGTVHKGVWIPEGESIKIPVCIKVIEDKSGRQSF
QAVTDHMLAIGSLDHAHIVRLLGLCPGSSLQLVTQYLPLGSLLDHVRQHRGALGPQLLLNWGVQIAKGMYYLEEHGMVHR
NLAARNVLLKSPSQVQVADFGVADLLPPDDKQLLYSEAKTPIKWMALESIHFGKYTHQSDVWSYGVTVWELMTFGAEPYA
GLRLAEVPDLLEKGERLAQPQICTIDVYMVMVKCWMIDENIRPTFKELANEFTRMARDPPRYLVIKRESGPGIAPGPEPH
GLTNKKLE
;
_entity_poly.pdbx_strand_id   A
#
loop_
_chem_comp.id
_chem_comp.type
_chem_comp.name
_chem_comp.formula
DB8 non-polymer 4-[(2,4-dichloro-5-methoxyphenyl)amino]-6-methoxy-7-[3-(4-methylpiperazin-1-yl)propoxy]quinoline-3-carbonitrile 'C26 H29 Cl2 N5 O3'
#
# COMPACT_ATOMS: atom_id res chain seq x y z
N VAL A 26 -14.31 13.16 -8.14
CA VAL A 26 -15.23 12.25 -7.46
C VAL A 26 -15.56 12.71 -6.03
N LEU A 27 -16.57 12.08 -5.43
CA LEU A 27 -16.99 12.41 -4.08
C LEU A 27 -17.49 11.15 -3.40
N ALA A 28 -17.03 10.90 -2.17
CA ALA A 28 -17.41 9.66 -1.52
C ALA A 28 -18.77 9.80 -0.86
N ARG A 29 -19.42 8.65 -0.69
CA ARG A 29 -20.73 8.56 -0.08
C ARG A 29 -20.62 8.42 1.45
N ILE A 30 -21.61 8.93 2.15
CA ILE A 30 -21.75 8.71 3.59
C ILE A 30 -22.91 7.73 3.77
N PHE A 31 -22.59 6.47 4.10
CA PHE A 31 -23.61 5.45 4.24
C PHE A 31 -24.35 5.58 5.57
N LYS A 32 -25.63 5.23 5.55
CA LYS A 32 -26.33 4.88 6.78
C LYS A 32 -25.90 3.48 7.21
N GLU A 33 -25.89 3.25 8.52
CA GLU A 33 -25.49 1.93 9.01
C GLU A 33 -26.37 0.82 8.45
N THR A 34 -27.61 1.14 8.10
CA THR A 34 -28.56 0.10 7.70
C THR A 34 -28.30 -0.43 6.30
N GLU A 35 -27.62 0.32 5.44
CA GLU A 35 -27.37 -0.15 4.08
C GLU A 35 -26.05 -0.90 3.94
N LEU A 36 -25.43 -1.30 5.05
CA LEU A 36 -24.18 -2.07 5.02
C LEU A 36 -24.36 -3.34 5.85
N ARG A 37 -23.86 -4.46 5.33
CA ARG A 37 -23.84 -5.72 6.06
C ARG A 37 -22.49 -6.39 5.84
N LYS A 38 -21.80 -6.74 6.93
CA LYS A 38 -20.58 -7.53 6.89
C LYS A 38 -20.91 -9.01 6.88
N LEU A 39 -20.19 -9.78 6.05
CA LEU A 39 -20.54 -11.17 5.76
C LEU A 39 -19.46 -12.20 6.07
N LYS A 40 -18.20 -11.80 6.12
CA LYS A 40 -17.10 -12.73 6.38
C LYS A 40 -15.85 -11.90 6.63
N VAL A 41 -15.07 -12.28 7.63
CA VAL A 41 -13.80 -11.61 7.86
C VAL A 41 -12.80 -12.12 6.84
N LEU A 42 -12.09 -11.19 6.20
CA LEU A 42 -11.00 -11.50 5.28
C LEU A 42 -9.65 -11.33 5.91
N GLY A 43 -9.51 -10.44 6.88
CA GLY A 43 -8.24 -10.28 7.55
C GLY A 43 -8.38 -9.33 8.71
N SER A 44 -7.27 -9.15 9.43
CA SER A 44 -7.24 -8.25 10.57
C SER A 44 -5.80 -7.84 10.85
N GLY A 45 -5.58 -6.54 11.01
CA GLY A 45 -4.30 -6.00 11.36
C GLY A 45 -4.41 -4.97 12.47
N VAL A 46 -3.50 -4.01 12.45
CA VAL A 46 -3.53 -2.89 13.40
C VAL A 46 -4.38 -1.74 12.87
N PHE A 47 -4.45 -1.58 11.54
CA PHE A 47 -5.35 -0.60 10.92
C PHE A 47 -6.71 -1.19 10.60
N GLY A 48 -7.24 -2.07 11.46
CA GLY A 48 -8.62 -2.49 11.37
C GLY A 48 -8.82 -3.91 10.87
N THR A 49 -10.09 -4.31 10.90
CA THR A 49 -10.58 -5.60 10.42
C THR A 49 -11.28 -5.41 9.08
N VAL A 50 -11.07 -6.34 8.16
CA VAL A 50 -11.55 -6.23 6.78
C VAL A 50 -12.55 -7.35 6.52
N HIS A 51 -13.69 -6.99 5.94
CA HIS A 51 -14.78 -7.94 5.70
C HIS A 51 -15.22 -7.91 4.25
N LYS A 52 -15.64 -9.07 3.74
CA LYS A 52 -16.53 -9.09 2.59
C LYS A 52 -17.92 -8.63 3.04
N GLY A 53 -18.51 -7.70 2.29
CA GLY A 53 -19.76 -7.10 2.70
C GLY A 53 -20.71 -6.91 1.52
N VAL A 54 -21.87 -6.35 1.83
CA VAL A 54 -22.85 -6.00 0.82
C VAL A 54 -23.34 -4.60 1.08
N TRP A 55 -23.52 -3.84 0.02
CA TRP A 55 -24.13 -2.53 0.08
C TRP A 55 -25.56 -2.70 -0.43
N ILE A 56 -26.52 -2.29 0.37
CA ILE A 56 -27.94 -2.43 0.06
C ILE A 56 -28.54 -1.04 0.03
N PRO A 57 -28.43 -0.31 -1.08
CA PRO A 57 -29.00 1.05 -1.12
C PRO A 57 -30.51 0.99 -1.03
N GLU A 58 -31.07 1.93 -0.26
CA GLU A 58 -32.48 1.85 0.13
C GLU A 58 -33.42 1.81 -1.08
N GLY A 59 -34.29 0.79 -1.11
CA GLY A 59 -35.40 0.69 -2.04
C GLY A 59 -35.05 0.32 -3.46
N GLU A 60 -33.80 0.01 -3.76
CA GLU A 60 -33.37 -0.27 -5.13
C GLU A 60 -33.40 -1.75 -5.49
N SER A 61 -33.69 -2.64 -4.54
CA SER A 61 -33.80 -4.08 -4.79
C SER A 61 -32.49 -4.66 -5.32
N ILE A 62 -31.34 -4.17 -4.86
CA ILE A 62 -30.06 -4.68 -5.34
C ILE A 62 -29.10 -4.78 -4.16
N LYS A 63 -28.26 -5.81 -4.21
CA LYS A 63 -27.23 -6.06 -3.21
C LYS A 63 -25.90 -5.99 -3.94
N ILE A 64 -25.09 -5.00 -3.62
CA ILE A 64 -23.81 -4.76 -4.29
C ILE A 64 -22.68 -5.32 -3.41
N PRO A 65 -21.88 -6.25 -3.92
CA PRO A 65 -20.69 -6.71 -3.17
C PRO A 65 -19.71 -5.57 -2.93
N VAL A 66 -19.27 -5.42 -1.68
CA VAL A 66 -18.28 -4.42 -1.31
C VAL A 66 -17.27 -5.03 -0.37
N CYS A 67 -16.23 -4.27 -0.09
CA CYS A 67 -15.27 -4.66 0.92
C CYS A 67 -15.34 -3.62 2.03
N ILE A 68 -15.36 -4.06 3.29
CA ILE A 68 -15.59 -3.17 4.41
C ILE A 68 -14.42 -3.28 5.38
N LYS A 69 -13.79 -2.14 5.69
CA LYS A 69 -12.75 -2.08 6.72
C LYS A 69 -13.28 -1.32 7.93
N VAL A 70 -13.33 -2.01 9.07
CA VAL A 70 -13.80 -1.46 10.33
C VAL A 70 -12.59 -1.01 11.13
N ILE A 71 -12.60 0.25 11.54
CA ILE A 71 -11.50 0.84 12.30
C ILE A 71 -12.04 1.17 13.69
N GLU A 72 -11.49 0.53 14.70
CA GLU A 72 -11.92 0.72 16.08
C GLU A 72 -10.72 1.12 16.92
N ASP A 73 -10.86 2.17 17.72
CA ASP A 73 -9.75 2.68 18.52
C ASP A 73 -9.75 1.96 19.86
N LYS A 74 -9.07 0.81 19.91
CA LYS A 74 -9.00 0.01 21.12
C LYS A 74 -7.97 0.51 22.12
N SER A 75 -7.14 1.49 21.74
CA SER A 75 -6.17 2.04 22.68
C SER A 75 -6.82 3.12 23.56
N GLY A 76 -7.49 4.08 22.95
CA GLY A 76 -8.02 5.20 23.70
C GLY A 76 -9.52 5.26 23.72
N ARG A 77 -10.19 4.41 22.94
CA ARG A 77 -11.64 4.28 22.94
C ARG A 77 -12.35 5.54 22.43
N GLN A 78 -11.67 6.33 21.61
CA GLN A 78 -12.30 7.45 20.91
C GLN A 78 -13.23 6.94 19.79
N SER A 79 -14.26 7.73 19.50
CA SER A 79 -15.24 7.39 18.47
C SER A 79 -14.90 8.03 17.13
N PHE A 80 -15.65 7.65 16.11
CA PHE A 80 -15.52 8.17 14.76
C PHE A 80 -16.84 8.71 14.26
N GLN A 81 -17.56 9.45 15.10
CA GLN A 81 -18.89 9.93 14.70
C GLN A 81 -18.82 11.11 13.74
N ALA A 82 -17.69 11.82 13.66
CA ALA A 82 -17.59 13.01 12.84
C ALA A 82 -16.80 12.72 11.56
N VAL A 83 -17.24 13.34 10.45
CA VAL A 83 -16.60 13.18 9.14
C VAL A 83 -15.53 14.25 9.02
N THR A 84 -14.28 13.86 9.23
CA THR A 84 -13.15 14.78 9.19
C THR A 84 -12.77 15.14 7.75
N ASP A 85 -12.11 16.31 7.61
CA ASP A 85 -11.59 16.71 6.31
C ASP A 85 -10.72 15.64 5.70
N HIS A 86 -10.00 14.88 6.53
CA HIS A 86 -9.09 13.89 5.97
C HIS A 86 -9.85 12.69 5.41
N MET A 87 -10.99 12.33 6.00
CA MET A 87 -11.80 11.27 5.39
C MET A 87 -12.35 11.71 4.05
N LEU A 88 -12.72 12.98 3.93
CA LEU A 88 -13.22 13.47 2.65
C LEU A 88 -12.11 13.53 1.61
N ALA A 89 -10.87 13.74 2.05
CA ALA A 89 -9.75 13.79 1.13
C ALA A 89 -9.50 12.43 0.50
N ILE A 90 -9.50 11.37 1.31
CA ILE A 90 -9.37 10.02 0.77
C ILE A 90 -10.49 9.75 -0.23
N GLY A 91 -11.70 10.23 0.08
CA GLY A 91 -12.87 9.94 -0.74
C GLY A 91 -13.00 10.78 -2.00
N SER A 92 -12.14 11.77 -2.19
CA SER A 92 -12.20 12.53 -3.42
C SER A 92 -11.10 12.16 -4.40
N LEU A 93 -10.54 10.96 -4.29
CA LEU A 93 -9.46 10.49 -5.12
C LEU A 93 -9.93 9.29 -5.96
N ASP A 94 -9.51 9.28 -7.22
CA ASP A 94 -9.77 8.13 -8.07
C ASP A 94 -8.78 8.11 -9.22
N HIS A 95 -8.33 6.92 -9.57
CA HIS A 95 -7.29 6.70 -10.55
C HIS A 95 -7.28 5.22 -10.87
N ALA A 96 -6.86 4.90 -12.10
CA ALA A 96 -6.89 3.52 -12.55
C ALA A 96 -6.07 2.60 -11.65
N HIS A 97 -5.05 3.12 -10.96
CA HIS A 97 -4.19 2.27 -10.16
C HIS A 97 -4.24 2.61 -8.67
N ILE A 98 -5.36 3.16 -8.19
CA ILE A 98 -5.68 3.14 -6.77
C ILE A 98 -7.09 2.60 -6.61
N VAL A 99 -7.36 2.02 -5.45
CA VAL A 99 -8.70 1.58 -5.10
C VAL A 99 -9.49 2.81 -4.67
N ARG A 100 -10.59 3.09 -5.35
CA ARG A 100 -11.46 4.19 -4.92
C ARG A 100 -12.18 3.85 -3.62
N LEU A 101 -12.26 4.82 -2.71
CA LEU A 101 -13.09 4.69 -1.53
C LEU A 101 -14.52 5.07 -1.91
N LEU A 102 -15.40 4.06 -2.03
CA LEU A 102 -16.81 4.30 -2.38
C LEU A 102 -17.47 5.20 -1.35
N GLY A 103 -17.26 4.92 -0.08
CA GLY A 103 -17.80 5.77 0.95
C GLY A 103 -17.40 5.30 2.33
N LEU A 104 -17.98 5.93 3.31
CA LEU A 104 -17.69 5.59 4.70
C LEU A 104 -18.97 5.71 5.49
N CYS A 105 -18.92 5.17 6.71
CA CYS A 105 -20.07 5.17 7.61
C CYS A 105 -19.54 5.47 8.99
N PRO A 106 -19.61 6.73 9.43
CA PRO A 106 -19.12 7.08 10.77
C PRO A 106 -19.89 6.33 11.84
N GLY A 107 -19.34 6.36 13.04
CA GLY A 107 -19.92 5.63 14.15
C GLY A 107 -18.90 5.48 15.26
N SER A 108 -19.25 4.65 16.24
CA SER A 108 -18.30 4.36 17.30
C SER A 108 -17.05 3.69 16.73
N SER A 109 -17.23 2.85 15.72
CA SER A 109 -16.15 2.44 14.84
C SER A 109 -16.42 2.97 13.43
N LEU A 110 -15.35 3.34 12.74
CA LEU A 110 -15.43 3.79 11.36
C LEU A 110 -15.46 2.59 10.42
N GLN A 111 -16.36 2.65 9.42
CA GLN A 111 -16.38 1.68 8.34
C GLN A 111 -15.98 2.37 7.04
N LEU A 112 -14.94 1.86 6.39
CA LEU A 112 -14.55 2.26 5.06
C LEU A 112 -15.02 1.19 4.07
N VAL A 113 -15.55 1.64 2.93
CA VAL A 113 -16.17 0.77 1.94
C VAL A 113 -15.46 0.97 0.59
N THR A 114 -15.07 -0.13 -0.04
CA THR A 114 -14.44 -0.10 -1.35
C THR A 114 -15.07 -1.18 -2.20
N GLN A 115 -14.72 -1.22 -3.48
CA GLN A 115 -15.05 -2.39 -4.27
C GLN A 115 -14.33 -3.59 -3.67
N TYR A 116 -14.89 -4.76 -3.89
CA TYR A 116 -14.28 -6.00 -3.48
C TYR A 116 -13.46 -6.53 -4.65
N LEU A 117 -12.18 -6.76 -4.42
CA LEU A 117 -11.35 -7.26 -5.51
C LEU A 117 -11.03 -8.71 -5.21
N PRO A 118 -11.73 -9.66 -5.83
CA PRO A 118 -11.61 -11.06 -5.39
C PRO A 118 -10.27 -11.69 -5.71
N LEU A 119 -9.56 -11.19 -6.71
CA LEU A 119 -8.24 -11.71 -7.06
C LEU A 119 -7.21 -11.51 -5.96
N GLY A 120 -7.50 -10.67 -4.98
CA GLY A 120 -6.63 -10.59 -3.83
C GLY A 120 -5.38 -9.75 -4.05
N SER A 121 -4.38 -10.02 -3.20
CA SER A 121 -3.22 -9.16 -3.06
C SER A 121 -2.09 -9.60 -3.98
N LEU A 122 -1.33 -8.62 -4.48
CA LEU A 122 -0.20 -8.95 -5.34
C LEU A 122 0.86 -9.75 -4.61
N LEU A 123 1.03 -9.50 -3.31
CA LEU A 123 1.97 -10.29 -2.51
C LEU A 123 1.65 -11.78 -2.60
N ASP A 124 0.38 -12.17 -2.38
CA ASP A 124 0.01 -13.58 -2.45
C ASP A 124 0.16 -14.14 -3.85
N HIS A 125 -0.19 -13.33 -4.86
CA HIS A 125 -0.04 -13.75 -6.24
C HIS A 125 1.39 -14.12 -6.57
N VAL A 126 2.34 -13.22 -6.26
CA VAL A 126 3.71 -13.53 -6.66
C VAL A 126 4.28 -14.68 -5.84
N ARG A 127 3.87 -14.81 -4.58
CA ARG A 127 4.39 -15.91 -3.75
C ARG A 127 4.00 -17.25 -4.34
N GLN A 128 2.80 -17.34 -4.94
CA GLN A 128 2.32 -18.60 -5.48
C GLN A 128 2.90 -18.90 -6.84
N HIS A 129 2.90 -17.93 -7.76
CA HIS A 129 3.32 -18.18 -9.13
C HIS A 129 4.81 -17.94 -9.38
N ARG A 130 5.46 -17.07 -8.59
CA ARG A 130 6.90 -16.82 -8.66
C ARG A 130 7.37 -16.55 -10.09
N GLY A 131 8.51 -17.13 -10.50
CA GLY A 131 9.08 -16.81 -11.81
C GLY A 131 8.17 -17.13 -12.98
N ALA A 132 7.15 -17.97 -12.78
CA ALA A 132 6.22 -18.26 -13.87
C ALA A 132 5.50 -17.00 -14.35
N LEU A 133 5.44 -15.95 -13.52
CA LEU A 133 4.77 -14.73 -13.97
C LEU A 133 5.48 -14.09 -15.16
N GLY A 134 6.81 -14.24 -15.26
CA GLY A 134 7.54 -13.67 -16.36
C GLY A 134 7.93 -12.23 -16.12
N PRO A 135 8.98 -11.76 -16.81
CA PRO A 135 9.53 -10.44 -16.46
C PRO A 135 8.66 -9.26 -16.87
N GLN A 136 7.89 -9.39 -17.95
CA GLN A 136 7.09 -8.26 -18.41
C GLN A 136 6.09 -7.82 -17.35
N LEU A 137 5.42 -8.79 -16.72
CA LEU A 137 4.40 -8.46 -15.72
C LEU A 137 5.01 -7.79 -14.50
N LEU A 138 6.16 -8.29 -14.02
CA LEU A 138 6.83 -7.71 -12.87
C LEU A 138 7.16 -6.25 -13.11
N LEU A 139 7.78 -5.94 -14.26
CA LEU A 139 8.12 -4.56 -14.56
C LEU A 139 6.88 -3.72 -14.80
N ASN A 140 5.86 -4.29 -15.47
CA ASN A 140 4.61 -3.55 -15.64
C ASN A 140 4.02 -3.17 -14.30
N TRP A 141 4.13 -4.03 -13.30
CA TRP A 141 3.52 -3.70 -12.02
C TRP A 141 4.29 -2.58 -11.34
N GLY A 142 5.62 -2.56 -11.49
CA GLY A 142 6.40 -1.43 -11.02
C GLY A 142 5.93 -0.12 -11.62
N VAL A 143 5.61 -0.13 -12.93
CA VAL A 143 5.06 1.06 -13.57
C VAL A 143 3.74 1.47 -12.91
N GLN A 144 2.82 0.51 -12.80
CA GLN A 144 1.46 0.82 -12.34
C GLN A 144 1.45 1.32 -10.90
N ILE A 145 2.23 0.70 -10.01
CA ILE A 145 2.27 1.18 -8.62
C ILE A 145 2.81 2.60 -8.58
N ALA A 146 3.88 2.89 -9.35
CA ALA A 146 4.42 4.25 -9.39
C ALA A 146 3.42 5.27 -9.93
N LYS A 147 2.70 4.92 -11.00
CA LYS A 147 1.67 5.81 -11.53
C LYS A 147 0.59 6.09 -10.50
N GLY A 148 0.11 5.06 -9.80
CA GLY A 148 -0.84 5.29 -8.73
C GLY A 148 -0.28 6.21 -7.66
N MET A 149 0.96 5.95 -7.23
CA MET A 149 1.58 6.78 -6.21
C MET A 149 1.77 8.20 -6.71
N TYR A 150 2.18 8.36 -7.98
CA TYR A 150 2.32 9.70 -8.55
C TYR A 150 1.00 10.46 -8.50
N TYR A 151 -0.12 9.81 -8.84
CA TYR A 151 -1.42 10.46 -8.71
C TYR A 151 -1.65 10.92 -7.28
N LEU A 152 -1.43 10.04 -6.30
CA LEU A 152 -1.66 10.40 -4.89
C LEU A 152 -0.81 11.58 -4.47
N GLU A 153 0.48 11.56 -4.85
CA GLU A 153 1.37 12.68 -4.56
C GLU A 153 0.88 13.97 -5.22
N GLU A 154 0.48 13.92 -6.50
CA GLU A 154 -0.04 15.10 -7.17
C GLU A 154 -1.24 15.70 -6.46
N HIS A 155 -2.01 14.89 -5.73
CA HIS A 155 -3.14 15.38 -4.96
C HIS A 155 -2.83 15.54 -3.48
N GLY A 156 -1.56 15.54 -3.10
CA GLY A 156 -1.17 15.82 -1.72
C GLY A 156 -1.50 14.73 -0.71
N MET A 157 -1.79 13.51 -1.16
CA MET A 157 -2.15 12.40 -0.27
C MET A 157 -0.90 11.56 0.02
N VAL A 158 -0.48 11.54 1.28
CA VAL A 158 0.61 10.68 1.73
C VAL A 158 0.01 9.32 2.10
N HIS A 159 0.54 8.25 1.50
CA HIS A 159 -0.03 6.92 1.71
C HIS A 159 0.14 6.46 3.16
N ARG A 160 1.40 6.35 3.62
CA ARG A 160 1.88 5.93 4.97
C ARG A 160 1.86 4.43 5.19
N ASN A 161 1.45 3.60 4.22
CA ASN A 161 1.48 2.16 4.43
C ASN A 161 1.58 1.38 3.13
N LEU A 162 2.39 1.86 2.20
CA LEU A 162 2.61 1.12 0.96
C LEU A 162 3.42 -0.14 1.25
N ALA A 163 3.02 -1.24 0.63
CA ALA A 163 3.66 -2.54 0.78
C ALA A 163 3.01 -3.48 -0.24
N ALA A 164 3.67 -4.60 -0.54
CA ALA A 164 3.11 -5.48 -1.56
C ALA A 164 1.77 -6.06 -1.12
N ARG A 165 1.58 -6.22 0.19
CA ARG A 165 0.30 -6.69 0.73
C ARG A 165 -0.83 -5.73 0.41
N ASN A 166 -0.54 -4.43 0.31
CA ASN A 166 -1.54 -3.41 0.02
C ASN A 166 -1.55 -3.00 -1.45
N VAL A 167 -1.04 -3.85 -2.34
CA VAL A 167 -1.25 -3.73 -3.77
C VAL A 167 -2.16 -4.87 -4.17
N LEU A 168 -3.30 -4.54 -4.79
CA LEU A 168 -4.35 -5.51 -5.06
C LEU A 168 -4.55 -5.68 -6.55
N LEU A 169 -4.82 -6.92 -6.98
CA LEU A 169 -5.11 -7.22 -8.38
C LEU A 169 -6.54 -6.82 -8.69
N LYS A 170 -6.70 -5.82 -9.55
CA LYS A 170 -8.02 -5.55 -10.13
C LYS A 170 -8.33 -6.54 -11.25
N SER A 171 -7.28 -7.01 -11.92
CA SER A 171 -7.38 -7.99 -12.98
C SER A 171 -6.09 -8.80 -12.96
N PRO A 172 -5.99 -9.87 -13.75
CA PRO A 172 -4.73 -10.63 -13.78
C PRO A 172 -3.52 -9.78 -14.18
N SER A 173 -3.72 -8.69 -14.93
CA SER A 173 -2.60 -7.86 -15.36
C SER A 173 -2.55 -6.48 -14.72
N GLN A 174 -3.64 -6.00 -14.10
CA GLN A 174 -3.71 -4.63 -13.57
C GLN A 174 -3.86 -4.65 -12.05
N VAL A 175 -3.07 -3.82 -11.37
CA VAL A 175 -3.08 -3.75 -9.92
C VAL A 175 -3.48 -2.35 -9.48
N GLN A 176 -3.89 -2.25 -8.20
CA GLN A 176 -4.30 -0.99 -7.61
C GLN A 176 -3.70 -0.85 -6.22
N VAL A 177 -3.24 0.36 -5.92
CA VAL A 177 -2.72 0.71 -4.60
C VAL A 177 -3.91 0.90 -3.65
N ALA A 178 -3.92 0.14 -2.55
CA ALA A 178 -4.96 0.27 -1.52
C ALA A 178 -4.39 0.82 -0.22
N ASP A 179 -5.30 1.20 0.68
CA ASP A 179 -5.05 1.57 2.08
C ASP A 179 -4.41 2.95 2.24
N PHE A 180 -4.47 3.80 1.22
CA PHE A 180 -3.83 5.10 1.32
C PHE A 180 -4.61 6.00 2.26
N GLY A 181 -3.89 6.74 3.10
CA GLY A 181 -4.47 7.66 4.06
C GLY A 181 -4.97 7.04 5.34
N VAL A 182 -5.07 5.71 5.41
CA VAL A 182 -5.78 5.06 6.51
C VAL A 182 -5.01 5.20 7.83
N ALA A 183 -3.68 5.13 7.80
CA ALA A 183 -2.93 5.24 9.05
C ALA A 183 -3.19 6.59 9.71
N ASP A 184 -3.37 7.65 8.92
CA ASP A 184 -3.66 8.97 9.47
C ASP A 184 -5.03 9.07 10.12
N LEU A 185 -5.94 8.11 9.89
CA LEU A 185 -7.22 8.13 10.58
C LEU A 185 -7.08 7.90 12.08
N LEU A 186 -5.89 7.55 12.56
CA LEU A 186 -5.68 7.28 13.97
C LEU A 186 -4.59 8.18 14.54
N PRO A 187 -4.76 8.67 15.76
CA PRO A 187 -3.73 9.52 16.39
C PRO A 187 -2.63 8.68 17.00
N PRO A 188 -1.39 9.18 17.04
CA PRO A 188 -0.27 8.38 17.54
C PRO A 188 -0.45 7.99 19.00
N ASP A 189 -0.08 6.74 19.32
CA ASP A 189 -0.05 6.23 20.69
C ASP A 189 1.41 6.01 21.06
N ASP A 190 1.89 6.79 22.03
CA ASP A 190 3.26 6.64 22.54
C ASP A 190 3.35 5.64 23.68
N LYS A 191 2.32 4.82 23.88
CA LYS A 191 2.37 3.75 24.85
C LYS A 191 3.44 2.72 24.47
N GLN A 192 4.18 2.24 25.47
CA GLN A 192 5.34 1.38 25.25
C GLN A 192 4.96 -0.01 24.74
N ALA A 198 6.40 -2.83 17.22
CA ALA A 198 5.49 -3.77 16.59
C ALA A 198 4.18 -3.15 16.03
N LYS A 199 3.80 -1.98 16.53
CA LYS A 199 2.54 -1.38 16.09
C LYS A 199 2.61 -0.80 14.67
N THR A 200 3.80 -0.43 14.19
CA THR A 200 3.98 0.13 12.86
C THR A 200 4.86 -0.80 12.02
N PRO A 201 4.78 -0.69 10.67
CA PRO A 201 5.55 -1.62 9.79
C PRO A 201 7.01 -1.22 9.58
N ILE A 202 7.81 -1.45 10.61
CA ILE A 202 9.22 -1.05 10.65
C ILE A 202 9.96 -1.45 9.37
N LYS A 203 9.77 -2.68 8.91
CA LYS A 203 10.62 -3.14 7.81
C LYS A 203 10.30 -2.45 6.48
N TRP A 204 9.25 -1.63 6.41
CA TRP A 204 8.86 -0.93 5.19
C TRP A 204 9.06 0.58 5.30
N MET A 205 9.56 1.07 6.43
CA MET A 205 9.49 2.48 6.73
C MET A 205 10.82 3.18 6.49
N ALA A 206 10.75 4.39 5.94
CA ALA A 206 11.91 5.26 5.91
C ALA A 206 12.41 5.52 7.32
N LEU A 207 13.74 5.72 7.43
CA LEU A 207 14.33 5.93 8.75
C LEU A 207 13.75 7.16 9.46
N GLU A 208 13.49 8.25 8.73
CA GLU A 208 12.93 9.43 9.36
C GLU A 208 11.55 9.13 9.96
N SER A 209 10.81 8.18 9.40
CA SER A 209 9.54 7.80 10.00
C SER A 209 9.78 7.00 11.29
N ILE A 210 10.74 6.07 11.27
CA ILE A 210 11.03 5.29 12.46
C ILE A 210 11.53 6.20 13.57
N HIS A 211 12.47 7.07 13.26
CA HIS A 211 13.13 7.86 14.29
C HIS A 211 12.30 9.03 14.75
N PHE A 212 11.49 9.63 13.87
CA PHE A 212 10.83 10.87 14.21
C PHE A 212 9.34 10.90 13.89
N GLY A 213 8.76 9.81 13.39
CA GLY A 213 7.35 9.83 13.07
C GLY A 213 7.00 10.77 11.92
N LYS A 214 7.95 11.07 11.05
CA LYS A 214 7.73 11.98 9.94
C LYS A 214 7.35 11.18 8.69
N TYR A 215 6.26 11.57 8.04
CA TYR A 215 5.73 10.87 6.88
C TYR A 215 5.51 11.86 5.75
N THR A 216 6.06 11.55 4.58
CA THR A 216 6.06 12.43 3.42
C THR A 216 5.92 11.59 2.17
N HIS A 217 5.74 12.26 1.04
CA HIS A 217 5.84 11.56 -0.23
C HIS A 217 7.21 10.93 -0.40
N GLN A 218 8.25 11.52 0.19
CA GLN A 218 9.57 10.93 0.08
C GLN A 218 9.66 9.64 0.88
N SER A 219 9.02 9.59 2.05
CA SER A 219 9.03 8.35 2.80
C SER A 219 8.15 7.27 2.14
N ASP A 220 7.10 7.67 1.40
CA ASP A 220 6.38 6.70 0.58
C ASP A 220 7.28 6.13 -0.51
N VAL A 221 8.25 6.91 -1.00
CA VAL A 221 9.16 6.40 -2.02
C VAL A 221 10.01 5.27 -1.44
N TRP A 222 10.48 5.42 -0.20
CA TRP A 222 11.21 4.35 0.45
C TRP A 222 10.35 3.09 0.52
N SER A 223 9.10 3.21 0.97
CA SER A 223 8.22 2.05 1.02
C SER A 223 7.97 1.47 -0.37
N TYR A 224 7.91 2.34 -1.40
CA TYR A 224 7.80 1.85 -2.77
C TYR A 224 8.98 0.96 -3.14
N GLY A 225 10.20 1.38 -2.80
CA GLY A 225 11.37 0.56 -3.09
C GLY A 225 11.33 -0.81 -2.43
N VAL A 226 10.85 -0.87 -1.18
CA VAL A 226 10.69 -2.17 -0.51
C VAL A 226 9.65 -3.03 -1.25
N THR A 227 8.54 -2.42 -1.64
CA THR A 227 7.46 -3.10 -2.34
C THR A 227 7.93 -3.74 -3.64
N VAL A 228 8.71 -3.00 -4.44
CA VAL A 228 9.19 -3.61 -5.68
C VAL A 228 10.29 -4.63 -5.38
N TRP A 229 11.01 -4.47 -4.28
CA TRP A 229 11.89 -5.55 -3.83
C TRP A 229 11.07 -6.81 -3.52
N GLU A 230 9.91 -6.66 -2.84
CA GLU A 230 9.06 -7.81 -2.58
C GLU A 230 8.65 -8.51 -3.88
N LEU A 231 8.26 -7.74 -4.91
CA LEU A 231 7.87 -8.35 -6.19
C LEU A 231 9.01 -9.15 -6.80
N MET A 232 10.21 -8.55 -6.93
CA MET A 232 11.30 -9.20 -7.66
C MET A 232 11.84 -10.44 -6.95
N THR A 233 11.67 -10.55 -5.63
CA THR A 233 12.02 -11.75 -4.87
C THR A 233 10.84 -12.73 -4.77
N PHE A 234 9.70 -12.41 -5.41
CA PHE A 234 8.47 -13.22 -5.35
C PHE A 234 7.94 -13.37 -3.92
N GLY A 235 7.92 -12.26 -3.18
CA GLY A 235 7.34 -12.25 -1.85
C GLY A 235 8.24 -12.68 -0.71
N ALA A 236 9.56 -12.57 -0.86
CA ALA A 236 10.47 -12.81 0.25
C ALA A 236 10.20 -11.81 1.38
N GLU A 237 10.54 -12.20 2.59
CA GLU A 237 10.36 -11.27 3.70
C GLU A 237 11.54 -10.32 3.76
N PRO A 238 11.30 -9.02 3.81
CA PRO A 238 12.40 -8.06 4.00
C PRO A 238 13.09 -8.29 5.34
N TYR A 239 14.43 -8.26 5.32
CA TYR A 239 15.24 -8.45 6.52
C TYR A 239 14.82 -9.74 7.24
N ALA A 240 14.72 -10.81 6.45
CA ALA A 240 13.98 -12.03 6.78
C ALA A 240 14.15 -12.49 8.23
N GLY A 241 15.38 -12.59 8.72
CA GLY A 241 15.58 -13.22 10.01
C GLY A 241 16.05 -12.35 11.16
N LEU A 242 16.02 -11.02 11.02
CA LEU A 242 16.51 -10.14 12.05
C LEU A 242 15.36 -9.65 12.93
N ARG A 243 15.68 -9.34 14.18
CA ARG A 243 14.66 -8.77 15.06
C ARG A 243 14.38 -7.33 14.65
N LEU A 244 13.12 -6.93 14.71
CA LEU A 244 12.66 -5.58 14.35
C LEU A 244 13.43 -4.51 15.12
N ALA A 245 13.84 -4.78 16.35
CA ALA A 245 14.56 -3.79 17.14
C ALA A 245 15.87 -3.40 16.48
N GLU A 246 16.46 -4.31 15.70
CA GLU A 246 17.80 -4.17 15.15
C GLU A 246 17.82 -3.54 13.75
N VAL A 247 16.65 -3.35 13.14
CA VAL A 247 16.55 -2.89 11.75
C VAL A 247 17.07 -1.45 11.59
N PRO A 248 16.67 -0.48 12.43
CA PRO A 248 17.22 0.88 12.25
C PRO A 248 18.73 0.94 12.37
N ASP A 249 19.32 0.22 13.33
CA ASP A 249 20.77 0.27 13.46
C ASP A 249 21.47 -0.28 12.22
N LEU A 250 20.93 -1.34 11.61
CA LEU A 250 21.52 -1.87 10.39
C LEU A 250 21.41 -0.89 9.22
N LEU A 251 20.30 -0.15 9.14
CA LEU A 251 20.14 0.83 8.07
C LEU A 251 21.16 1.95 8.21
N GLU A 252 21.29 2.50 9.43
CA GLU A 252 22.26 3.57 9.67
C GLU A 252 23.68 3.11 9.36
N LYS A 253 24.01 1.85 9.67
CA LYS A 253 25.32 1.30 9.31
C LYS A 253 25.47 1.08 7.80
N GLY A 254 24.40 1.24 7.03
CA GLY A 254 24.48 1.17 5.59
C GLY A 254 24.12 -0.16 4.96
N GLU A 255 23.46 -1.05 5.69
CA GLU A 255 23.00 -2.31 5.13
C GLU A 255 21.61 -2.16 4.53
N ARG A 256 21.35 -2.94 3.48
CA ARG A 256 20.12 -2.84 2.71
C ARG A 256 19.69 -4.24 2.28
N LEU A 257 18.43 -4.36 1.85
CA LEU A 257 17.94 -5.60 1.27
C LEU A 257 18.85 -6.04 0.13
N ALA A 258 19.12 -7.35 0.07
CA ALA A 258 20.05 -7.86 -0.91
C ALA A 258 19.50 -7.72 -2.33
N GLN A 259 20.40 -7.72 -3.29
CA GLN A 259 19.99 -7.73 -4.69
C GLN A 259 19.18 -8.99 -4.99
N PRO A 260 17.96 -8.86 -5.50
CA PRO A 260 17.17 -10.06 -5.85
C PRO A 260 17.88 -10.89 -6.91
N GLN A 261 17.61 -12.20 -6.88
CA GLN A 261 18.29 -13.13 -7.77
C GLN A 261 18.01 -12.82 -9.24
N ILE A 262 16.80 -12.38 -9.57
CA ILE A 262 16.49 -12.13 -10.98
C ILE A 262 16.94 -10.76 -11.46
N CYS A 263 17.29 -9.85 -10.54
CA CYS A 263 17.56 -8.46 -10.91
C CYS A 263 18.98 -8.27 -11.43
N THR A 264 19.10 -7.57 -12.55
CA THR A 264 20.38 -7.03 -12.98
C THR A 264 20.70 -5.77 -12.14
N ILE A 265 21.95 -5.31 -12.24
CA ILE A 265 22.37 -4.21 -11.38
C ILE A 265 21.55 -2.95 -11.65
N ASP A 266 21.04 -2.76 -12.86
CA ASP A 266 20.27 -1.56 -13.19
C ASP A 266 18.95 -1.51 -12.41
N VAL A 267 18.27 -2.64 -12.26
CA VAL A 267 17.02 -2.64 -11.48
C VAL A 267 17.33 -2.42 -10.00
N TYR A 268 18.31 -3.14 -9.47
CA TYR A 268 18.66 -3.01 -8.06
C TYR A 268 19.06 -1.58 -7.70
N MET A 269 19.75 -0.88 -8.61
CA MET A 269 20.18 0.49 -8.29
C MET A 269 18.99 1.44 -8.13
N VAL A 270 17.91 1.23 -8.88
CA VAL A 270 16.69 2.00 -8.66
C VAL A 270 16.17 1.78 -7.24
N MET A 271 16.19 0.54 -6.75
CA MET A 271 15.76 0.28 -5.37
C MET A 271 16.70 0.95 -4.37
N VAL A 272 17.98 0.93 -4.60
CA VAL A 272 18.97 1.48 -3.65
C VAL A 272 18.80 2.98 -3.48
N LYS A 273 18.47 3.68 -4.55
CA LYS A 273 18.25 5.12 -4.46
C LYS A 273 17.02 5.39 -3.61
N CYS A 274 16.09 4.47 -3.56
CA CYS A 274 14.86 4.65 -2.77
C CYS A 274 15.14 4.62 -1.27
N TRP A 275 16.21 3.92 -0.85
CA TRP A 275 16.57 3.72 0.55
C TRP A 275 17.73 4.62 0.99
N MET A 276 17.98 5.72 0.31
CA MET A 276 18.90 6.71 0.85
C MET A 276 18.31 7.36 2.08
N ILE A 277 19.11 7.44 3.16
CA ILE A 277 18.66 8.12 4.37
C ILE A 277 18.40 9.59 4.10
N ASP A 278 19.13 10.19 3.15
CA ASP A 278 18.86 11.56 2.71
C ASP A 278 17.57 11.60 1.89
N GLU A 279 16.53 12.20 2.47
CA GLU A 279 15.23 12.27 1.80
CA GLU A 279 15.24 12.29 1.81
C GLU A 279 15.32 12.88 0.40
N ASN A 280 16.31 13.75 0.16
CA ASN A 280 16.39 14.48 -1.11
C ASN A 280 17.09 13.72 -2.24
N ILE A 281 17.80 12.63 -1.94
CA ILE A 281 18.48 11.87 -3.00
C ILE A 281 17.54 10.83 -3.61
N ARG A 282 16.46 10.48 -2.92
CA ARG A 282 15.57 9.48 -3.43
C ARG A 282 14.92 9.97 -4.73
N PRO A 283 14.58 9.06 -5.63
CA PRO A 283 13.84 9.45 -6.84
C PRO A 283 12.41 9.91 -6.52
N THR A 284 11.81 10.55 -7.49
CA THR A 284 10.40 10.90 -7.41
C THR A 284 9.57 9.79 -8.03
N PHE A 285 8.27 9.84 -7.77
CA PHE A 285 7.39 8.86 -8.38
C PHE A 285 7.32 9.03 -9.90
N LYS A 286 7.39 10.27 -10.40
CA LYS A 286 7.48 10.48 -11.84
C LYS A 286 8.72 9.80 -12.42
N GLU A 287 9.87 9.99 -11.78
CA GLU A 287 11.10 9.37 -12.23
C GLU A 287 11.01 7.85 -12.17
N LEU A 288 10.40 7.33 -11.10
CA LEU A 288 10.27 5.89 -10.94
C LEU A 288 9.37 5.28 -12.01
N ALA A 289 8.24 5.94 -12.33
CA ALA A 289 7.37 5.44 -13.38
C ALA A 289 8.06 5.51 -14.74
N ASN A 290 8.74 6.63 -15.02
CA ASN A 290 9.55 6.73 -16.24
C ASN A 290 10.59 5.62 -16.30
N GLU A 291 11.31 5.36 -15.21
CA GLU A 291 12.42 4.42 -15.33
C GLU A 291 11.92 2.99 -15.49
N PHE A 292 10.81 2.63 -14.83
CA PHE A 292 10.25 1.31 -15.04
C PHE A 292 9.54 1.19 -16.39
N THR A 293 8.99 2.30 -16.93
CA THR A 293 8.51 2.27 -18.31
C THR A 293 9.63 1.89 -19.28
N ARG A 294 10.80 2.55 -19.18
CA ARG A 294 11.90 2.25 -20.09
C ARG A 294 12.34 0.80 -19.98
N MET A 295 12.41 0.26 -18.76
CA MET A 295 12.86 -1.12 -18.58
C MET A 295 11.81 -2.12 -19.06
N ALA A 296 10.52 -1.81 -18.89
CA ALA A 296 9.45 -2.66 -19.38
C ALA A 296 9.40 -2.75 -20.90
N ARG A 297 10.13 -1.87 -21.60
CA ARG A 297 10.28 -1.96 -23.05
C ARG A 297 11.23 -3.05 -23.49
N ASP A 298 12.04 -3.60 -22.57
CA ASP A 298 12.94 -4.71 -22.90
C ASP A 298 13.20 -5.55 -21.65
N PRO A 299 12.19 -6.31 -21.20
CA PRO A 299 12.25 -6.91 -19.85
C PRO A 299 13.44 -7.84 -19.64
N PRO A 300 13.75 -8.78 -20.56
CA PRO A 300 14.86 -9.70 -20.29
C PRO A 300 16.24 -9.05 -20.27
N ARG A 301 16.34 -7.78 -20.57
CA ARG A 301 17.67 -7.19 -20.36
C ARG A 301 17.77 -6.71 -18.91
N TYR A 302 16.67 -6.75 -18.16
CA TYR A 302 16.70 -6.23 -16.82
C TYR A 302 16.33 -7.23 -15.74
N LEU A 303 15.47 -8.20 -16.05
CA LEU A 303 15.16 -9.31 -15.17
C LEU A 303 15.51 -10.60 -15.90
N VAL A 304 16.30 -11.44 -15.25
CA VAL A 304 16.81 -12.67 -15.82
C VAL A 304 16.20 -13.80 -14.99
N ILE A 305 15.14 -14.42 -15.51
CA ILE A 305 14.35 -15.42 -14.78
C ILE A 305 14.58 -16.77 -15.46
N LYS A 306 15.32 -17.65 -14.78
CA LYS A 306 15.58 -19.01 -15.25
C LYS A 306 14.32 -19.82 -15.35
CAA DB8 B . -7.99 -9.22 2.98
O02 DB8 B . -11.45 -0.81 2.90
CAC DB8 B . -9.43 -13.14 -0.43
NAD DB8 B . -9.65 -1.57 -0.84
CL1 DB8 B . -9.35 1.08 3.51
CL2 DB8 B . -5.96 -2.94 2.05
CAG DB8 B . -9.65 -2.69 -0.74
CAH DB8 B . -10.25 -4.58 -1.65
CAI DB8 B . -7.75 -1.13 2.72
CAJ DB8 B . -10.05 -2.66 2.26
CAK DB8 B . -10.18 -8.25 -1.23
CAL DB8 B . -8.89 -7.40 1.12
CAM DB8 B . -9.24 -12.43 -1.77
CAN DB8 B . -9.87 -11.03 -1.70
CAO DB8 B . -12.06 -18.10 -0.52
CAP DB8 B . -10.62 -14.84 0.73
CAQ DB8 B . -9.87 -15.22 -1.54
CAR DB8 B . -11.52 -16.09 0.62
CAS DB8 B . -10.79 -16.44 -1.66
NAT DB8 B . -10.46 -5.91 -1.91
NAU DB8 B . -8.52 -4.55 1.57
OAV DB8 B . -8.63 -9.72 1.83
OAW DB8 B . -9.82 -10.57 -0.38
CAX DB8 B . -10.18 -1.36 2.69
CAY DB8 B . -9.05 -0.60 2.94
CAZ DB8 B . -7.66 -2.45 2.27
CBA DB8 B . -9.58 -4.19 -0.45
CBB DB8 B . -8.79 -3.20 2.05
CBC DB8 B . -9.07 -8.75 0.90
CBD DB8 B . -9.71 -9.18 -0.28
CBE DB8 B . -9.17 -5.14 0.41
CBF DB8 B . -10.01 -6.88 -1.01
CBG DB8 B . -9.37 -6.47 0.16
NBH DB8 B . -10.38 -14.24 -0.57
NBI DB8 B . -11.07 -17.04 -0.37
C01 DB8 B . -12.53 -1.67 2.61
#